data_6H0Y
#
_entry.id   6H0Y
#
_cell.length_a   71.554
_cell.length_b   71.554
_cell.length_c   150.737
_cell.angle_alpha   90.000
_cell.angle_beta   90.000
_cell.angle_gamma   90.000
#
_symmetry.space_group_name_H-M   'P 43 21 2'
#
loop_
_entity.id
_entity.type
_entity.pdbx_description
1 polymer 'Lysine-specific demethylase 4D'
2 non-polymer 'ZINC ION'
3 non-polymer 'SODIUM ION'
4 non-polymer 1,2-ETHANEDIOL
5 non-polymer 'SULFATE ION'
6 non-polymer 'NICKEL (II) ION'
7 non-polymer (2~{R})-3-(4-methoxyphenyl)-2-(2~{H}-1,2,3,4-tetrazol-5-yl)propanehydrazide
8 water water
#
_entity_poly.entity_id   1
_entity_poly.type   'polypeptide(L)'
_entity_poly.pdbx_seq_one_letter_code
;METMKSKANCAQNPNCNIMIFHPTKEEFNDFDKYIAYMESQGAHRAGLAKIIPPKEWKARETYDNISEILIATPLQQVAS
GRAGVFTQYHKKKKAMTVGEYRHLANSKKYQTPPHQNFEDLERKYWKNRIYNSPIYGADISGSLFDENTKQWNLGHLGTI
QDLLEKECGVVIEGVNTPYLYFGMWKTTFAWHTEDMDLYSINYLHLGEPKTWYVVPPEHGQRLERLARELFPGSSRGCGA
FLRHKVALISPTVLKENGIPFNRITQEAGEFMVTFPYGYHAGFNHGFNCAEAINFATPRWIDYGKMASQCSCGEARVTFS
MDAFVRILQPERYDLWKRGQDR
;
_entity_poly.pdbx_strand_id   A
#
loop_
_chem_comp.id
_chem_comp.type
_chem_comp.name
_chem_comp.formula
EDO non-polymer 1,2-ETHANEDIOL 'C2 H6 O2'
FHZ non-polymer (2~{R})-3-(4-methoxyphenyl)-2-(2~{H}-1,2,3,4-tetrazol-5-yl)propanehydrazide 'C11 H14 N6 O2'
NA non-polymer 'SODIUM ION' 'Na 1'
NI non-polymer 'NICKEL (II) ION' 'Ni 2'
SO4 non-polymer 'SULFATE ION' 'O4 S -2'
ZN non-polymer 'ZINC ION' 'Zn 2'
#
# COMPACT_ATOMS: atom_id res chain seq x y z
N ALA A 11 -14.49 -9.82 -22.23
CA ALA A 11 -13.93 -9.31 -20.93
C ALA A 11 -12.91 -8.17 -21.09
N GLN A 12 -13.04 -7.15 -20.30
CA GLN A 12 -12.20 -5.99 -20.43
CA GLN A 12 -12.21 -5.97 -20.40
C GLN A 12 -10.84 -6.23 -19.79
N ASN A 13 -9.82 -5.68 -20.41
CA ASN A 13 -8.45 -5.73 -19.91
C ASN A 13 -8.00 -7.18 -19.63
N PRO A 14 -8.12 -8.08 -20.62
CA PRO A 14 -7.80 -9.49 -20.35
C PRO A 14 -6.35 -9.75 -20.04
N ASN A 15 -5.43 -8.91 -20.53
CA ASN A 15 -4.02 -9.09 -20.21
C ASN A 15 -3.64 -8.49 -18.86
N CYS A 16 -4.60 -7.86 -18.15
CA CYS A 16 -4.36 -7.39 -16.78
C CYS A 16 -3.31 -6.29 -16.76
N ASN A 17 -3.31 -5.40 -17.74
CA ASN A 17 -2.42 -4.25 -17.76
C ASN A 17 -2.86 -3.20 -16.75
N ILE A 18 -1.88 -2.48 -16.20
CA ILE A 18 -2.16 -1.31 -15.34
C ILE A 18 -2.73 -0.22 -16.23
N MET A 19 -3.93 0.25 -15.89
CA MET A 19 -4.60 1.32 -16.61
C MET A 19 -4.39 2.65 -15.90
N ILE A 20 -4.39 3.71 -16.71
CA ILE A 20 -4.19 5.09 -16.25
C ILE A 20 -5.42 5.88 -16.66
N PHE A 21 -6.00 6.59 -15.70
CA PHE A 21 -7.24 7.35 -15.91
C PHE A 21 -7.00 8.82 -15.74
N HIS A 22 -7.73 9.61 -16.53
CA HIS A 22 -7.69 11.07 -16.52
C HIS A 22 -9.10 11.63 -16.35
N PRO A 23 -9.70 11.51 -15.17
CA PRO A 23 -11.07 12.03 -14.95
C PRO A 23 -11.11 13.53 -15.17
N THR A 24 -12.22 13.98 -15.72
CA THR A 24 -12.51 15.40 -15.75
C THR A 24 -12.93 15.88 -14.35
N LYS A 25 -13.00 17.21 -14.17
CA LYS A 25 -13.45 17.74 -12.88
C LYS A 25 -14.85 17.28 -12.56
N GLU A 26 -15.74 17.11 -13.56
CA GLU A 26 -17.08 16.60 -13.28
C GLU A 26 -17.05 15.14 -12.86
N GLU A 27 -16.18 14.35 -13.49
CA GLU A 27 -16.07 12.95 -13.13
C GLU A 27 -15.41 12.74 -11.78
N PHE A 28 -14.77 13.76 -11.22
CA PHE A 28 -14.03 13.67 -9.97
C PHE A 28 -14.90 13.95 -8.76
N ASN A 29 -16.21 14.09 -8.95
N ASN A 29 -16.18 14.23 -8.96
CA ASN A 29 -17.15 14.51 -7.92
CA ASN A 29 -17.04 14.52 -7.83
C ASN A 29 -17.88 13.38 -7.22
C ASN A 29 -17.39 13.26 -7.04
N ASP A 30 -17.80 12.18 -7.73
CA ASP A 30 -18.41 11.02 -7.07
C ASP A 30 -17.37 9.91 -7.05
N PHE A 31 -16.71 9.75 -5.91
CA PHE A 31 -15.62 8.78 -5.79
C PHE A 31 -16.08 7.37 -6.11
N ASP A 32 -17.14 6.91 -5.44
N ASP A 32 -17.16 6.94 -5.48
CA ASP A 32 -17.60 5.53 -5.63
CA ASP A 32 -17.57 5.56 -5.64
C ASP A 32 -17.94 5.27 -7.10
C ASP A 32 -17.97 5.27 -7.08
N LYS A 33 -18.59 6.22 -7.76
CA LYS A 33 -18.99 6.07 -9.15
CA LYS A 33 -18.98 6.01 -9.13
C LYS A 33 -17.76 5.89 -10.04
N TYR A 34 -16.71 6.65 -9.77
CA TYR A 34 -15.52 6.54 -10.62
C TYR A 34 -14.79 5.22 -10.39
N ILE A 35 -14.72 4.74 -9.13
CA ILE A 35 -14.13 3.41 -8.93
C ILE A 35 -14.90 2.38 -9.73
N ALA A 36 -16.24 2.45 -9.67
CA ALA A 36 -17.04 1.49 -10.42
C ALA A 36 -16.80 1.62 -11.94
N TYR A 37 -16.65 2.84 -12.42
CA TYR A 37 -16.32 3.08 -13.83
C TYR A 37 -15.01 2.42 -14.19
N MET A 38 -13.98 2.62 -13.36
N MET A 38 -13.96 2.63 -13.37
CA MET A 38 -12.68 2.03 -13.67
CA MET A 38 -12.69 2.02 -13.71
C MET A 38 -12.79 0.51 -13.76
C MET A 38 -12.83 0.51 -13.79
N GLU A 39 -13.56 -0.10 -12.87
CA GLU A 39 -13.74 -1.54 -12.90
CA GLU A 39 -13.75 -1.54 -12.90
C GLU A 39 -14.55 -1.97 -14.13
N SER A 40 -15.48 -1.16 -14.59
CA SER A 40 -16.21 -1.47 -15.83
C SER A 40 -15.27 -1.57 -17.02
N GLN A 41 -14.14 -0.89 -16.96
CA GLN A 41 -13.11 -0.91 -18.00
C GLN A 41 -12.06 -1.97 -17.74
N GLY A 42 -12.20 -2.77 -16.69
CA GLY A 42 -11.27 -3.83 -16.39
C GLY A 42 -10.08 -3.44 -15.56
N ALA A 43 -10.08 -2.26 -14.96
CA ALA A 43 -8.88 -1.80 -14.25
C ALA A 43 -8.47 -2.72 -13.14
N HIS A 44 -9.42 -3.28 -12.44
CA HIS A 44 -9.11 -4.13 -11.30
C HIS A 44 -8.34 -5.37 -11.66
N ARG A 45 -8.43 -5.80 -12.92
CA ARG A 45 -7.71 -7.03 -13.30
C ARG A 45 -6.20 -6.92 -13.10
N ALA A 46 -5.67 -5.71 -13.20
CA ALA A 46 -4.23 -5.52 -12.98
C ALA A 46 -3.85 -5.58 -11.51
N GLY A 47 -4.77 -5.25 -10.60
CA GLY A 47 -4.47 -5.09 -9.18
C GLY A 47 -4.14 -3.68 -8.77
N LEU A 48 -3.85 -2.78 -9.71
CA LEU A 48 -3.40 -1.43 -9.46
C LEU A 48 -3.84 -0.56 -10.62
N ALA A 49 -4.27 0.68 -10.35
CA ALA A 49 -4.54 1.66 -11.38
C ALA A 49 -3.96 3.00 -10.95
N LYS A 50 -3.61 3.83 -11.93
CA LYS A 50 -3.21 5.20 -11.68
C LYS A 50 -4.34 6.14 -12.06
N ILE A 51 -4.55 7.17 -11.24
CA ILE A 51 -5.53 8.21 -11.52
C ILE A 51 -4.85 9.56 -11.46
N ILE A 52 -4.83 10.25 -12.58
CA ILE A 52 -4.25 11.58 -12.66
CA ILE A 52 -4.27 11.59 -12.68
C ILE A 52 -5.40 12.58 -12.44
N PRO A 53 -5.36 13.41 -11.40
CA PRO A 53 -6.48 14.33 -11.11
CA PRO A 53 -6.51 14.28 -11.14
C PRO A 53 -6.63 15.36 -12.20
N PRO A 54 -7.82 15.91 -12.37
CA PRO A 54 -7.97 17.02 -13.33
C PRO A 54 -7.07 18.19 -12.96
N LYS A 55 -6.75 18.99 -13.98
CA LYS A 55 -5.80 20.06 -13.82
C LYS A 55 -6.29 21.12 -12.86
N GLU A 56 -7.59 21.23 -12.68
CA GLU A 56 -8.19 22.22 -11.79
C GLU A 56 -8.10 21.83 -10.33
N TRP A 57 -7.70 20.62 -10.01
CA TRP A 57 -7.79 20.11 -8.65
C TRP A 57 -6.47 20.30 -7.93
N LYS A 58 -6.57 20.47 -6.61
CA LYS A 58 -5.37 20.41 -5.77
CA LYS A 58 -5.40 20.52 -5.74
C LYS A 58 -5.73 19.83 -4.41
N ALA A 59 -4.74 19.17 -3.81
CA ALA A 59 -4.97 18.57 -2.50
C ALA A 59 -4.97 19.61 -1.39
N ARG A 60 -4.10 20.57 -1.50
CA ARG A 60 -4.00 21.67 -0.52
C ARG A 60 -3.26 22.81 -1.24
N GLU A 61 -3.13 23.95 -0.58
CA GLU A 61 -2.54 25.09 -1.27
CA GLU A 61 -2.53 25.10 -1.24
C GLU A 61 -1.02 24.97 -1.38
N THR A 62 -0.32 24.69 -0.29
N THR A 62 -0.34 24.61 -0.30
CA THR A 62 1.11 24.50 -0.40
CA THR A 62 1.11 24.64 -0.25
C THR A 62 1.55 23.45 0.60
C THR A 62 1.62 23.60 0.74
N TYR A 63 2.79 23.02 0.44
CA TYR A 63 3.46 22.13 1.38
C TYR A 63 4.53 22.87 2.18
N ASP A 64 4.42 24.18 2.30
CA ASP A 64 5.47 24.98 2.95
C ASP A 64 5.49 24.83 4.45
N ASN A 65 4.45 24.27 5.08
CA ASN A 65 4.29 24.34 6.52
C ASN A 65 4.18 22.98 7.18
N ILE A 66 4.83 21.95 6.61
CA ILE A 66 4.72 20.57 7.07
C ILE A 66 5.91 20.12 7.91
N SER A 67 6.91 20.97 8.14
CA SER A 67 8.18 20.50 8.70
CA SER A 67 8.16 20.46 8.69
C SER A 67 8.08 20.12 10.17
N GLU A 68 7.04 20.59 10.89
CA GLU A 68 6.90 20.32 12.29
C GLU A 68 6.09 19.08 12.61
N ILE A 69 5.54 18.39 11.61
CA ILE A 69 4.94 17.08 11.82
C ILE A 69 5.99 16.18 12.46
N LEU A 70 5.60 15.37 13.45
CA LEU A 70 6.52 14.45 14.12
C LEU A 70 6.38 13.06 13.55
N ILE A 71 7.54 12.46 13.29
CA ILE A 71 7.67 11.04 13.02
C ILE A 71 8.14 10.44 14.34
N ALA A 72 7.18 9.95 15.14
CA ALA A 72 7.45 9.51 16.51
C ALA A 72 8.38 8.32 16.54
N THR A 73 8.28 7.43 15.54
CA THR A 73 9.11 6.22 15.54
C THR A 73 9.56 5.94 14.12
N PRO A 74 10.57 6.66 13.64
CA PRO A 74 11.18 6.32 12.33
C PRO A 74 11.70 4.89 12.38
N LEU A 75 11.63 4.23 11.24
CA LEU A 75 11.99 2.80 11.14
C LEU A 75 13.16 2.62 10.14
N GLN A 76 14.24 2.00 10.61
CA GLN A 76 15.37 1.66 9.76
CA GLN A 76 15.36 1.68 9.75
C GLN A 76 15.15 0.28 9.20
N GLN A 77 15.19 0.16 7.87
CA GLN A 77 14.79 -1.06 7.17
C GLN A 77 16.05 -1.86 6.80
N VAL A 78 16.33 -2.87 7.60
CA VAL A 78 17.57 -3.64 7.53
C VAL A 78 17.28 -4.93 6.76
N ALA A 79 18.01 -5.17 5.68
CA ALA A 79 17.77 -6.34 4.83
C ALA A 79 18.64 -7.53 5.17
N SER A 80 18.15 -8.73 4.82
N SER A 80 18.12 -8.70 4.85
CA SER A 80 18.92 -9.98 4.83
CA SER A 80 18.79 -9.96 5.12
C SER A 80 18.53 -10.82 3.63
C SER A 80 18.55 -10.84 3.93
N GLY A 81 19.48 -11.59 3.09
N GLY A 81 19.62 -11.30 3.28
CA GLY A 81 19.19 -12.47 1.97
CA GLY A 81 19.46 -12.20 2.15
C GLY A 81 20.13 -12.21 0.81
C GLY A 81 20.18 -11.69 0.92
N ARG A 82 19.59 -12.17 -0.37
N ARG A 82 19.68 -12.06 -0.25
CA ARG A 82 20.35 -11.89 -1.59
CA ARG A 82 20.32 -11.82 -1.54
C ARG A 82 19.65 -10.72 -2.27
C ARG A 82 19.66 -10.64 -2.23
N ALA A 83 20.31 -10.15 -3.28
CA ALA A 83 19.86 -8.89 -3.84
C ALA A 83 18.44 -8.96 -4.34
N GLY A 84 18.04 -10.07 -4.95
CA GLY A 84 16.71 -10.23 -5.50
C GLY A 84 15.71 -10.96 -4.65
N VAL A 85 16.15 -11.53 -3.54
CA VAL A 85 15.28 -12.31 -2.64
C VAL A 85 15.73 -12.02 -1.22
N PHE A 86 15.03 -11.15 -0.51
CA PHE A 86 15.47 -10.69 0.80
C PHE A 86 14.28 -10.42 1.69
N THR A 87 14.52 -10.44 2.98
CA THR A 87 13.56 -9.92 3.94
C THR A 87 14.11 -8.64 4.58
N GLN A 88 13.23 -7.89 5.20
CA GLN A 88 13.64 -6.71 5.93
C GLN A 88 12.98 -6.68 7.28
N TYR A 89 13.74 -6.21 8.26
CA TYR A 89 13.17 -5.93 9.58
C TYR A 89 13.30 -4.45 9.87
N HIS A 90 12.47 -4.01 10.79
CA HIS A 90 12.35 -2.59 11.08
CA HIS A 90 12.36 -2.60 11.08
C HIS A 90 12.93 -2.36 12.46
N LYS A 91 14.02 -1.62 12.52
CA LYS A 91 14.65 -1.16 13.76
C LYS A 91 14.16 0.24 14.12
N LYS A 92 13.66 0.41 15.33
CA LYS A 92 13.11 1.69 15.74
C LYS A 92 14.24 2.67 16.01
N LYS A 93 14.03 3.92 15.60
CA LYS A 93 14.94 5.02 15.82
C LYS A 93 14.26 6.08 16.65
N LYS A 94 15.06 7.02 17.17
CA LYS A 94 14.51 8.14 17.92
C LYS A 94 13.64 9.07 17.04
N ALA A 95 12.66 9.69 17.68
CA ALA A 95 11.74 10.58 17.00
C ALA A 95 12.47 11.70 16.28
N MET A 96 11.86 12.17 15.20
N MET A 96 11.89 12.10 15.13
CA MET A 96 12.37 13.35 14.52
CA MET A 96 12.37 13.20 14.29
C MET A 96 11.23 14.01 13.77
C MET A 96 11.18 14.00 13.79
N THR A 97 11.36 15.31 13.53
CA THR A 97 10.36 16.01 12.77
C THR A 97 10.53 15.70 11.26
N VAL A 98 9.54 16.07 10.50
CA VAL A 98 9.62 15.95 9.04
C VAL A 98 10.74 16.81 8.47
N GLY A 99 10.97 17.98 9.04
CA GLY A 99 12.09 18.80 8.57
C GLY A 99 13.43 18.12 8.81
N GLU A 100 13.60 17.53 9.99
CA GLU A 100 14.82 16.79 10.27
C GLU A 100 14.96 15.56 9.36
N TYR A 101 13.85 14.88 9.10
CA TYR A 101 13.85 13.69 8.23
C TYR A 101 14.20 14.07 6.81
N ARG A 102 13.70 15.17 6.33
CA ARG A 102 14.01 15.64 4.98
C ARG A 102 15.51 15.92 4.86
N HIS A 103 16.07 16.57 5.87
CA HIS A 103 17.51 16.81 5.86
C HIS A 103 18.30 15.51 5.85
N LEU A 104 17.86 14.52 6.62
CA LEU A 104 18.53 13.23 6.65
C LEU A 104 18.44 12.55 5.29
N ALA A 105 17.27 12.58 4.68
CA ALA A 105 17.10 11.95 3.37
C ALA A 105 18.01 12.54 2.33
N ASN A 106 18.28 13.84 2.43
CA ASN A 106 19.12 14.55 1.47
C ASN A 106 20.59 14.49 1.79
N SER A 107 20.96 13.85 2.88
CA SER A 107 22.37 13.78 3.27
C SER A 107 23.13 12.88 2.32
N LYS A 108 24.46 12.99 2.33
CA LYS A 108 25.26 12.14 1.45
C LYS A 108 24.98 10.66 1.67
N LYS A 109 24.77 10.24 2.91
CA LYS A 109 24.59 8.83 3.22
C LYS A 109 23.33 8.27 2.58
N TYR A 110 22.26 9.06 2.52
CA TYR A 110 20.94 8.56 2.15
C TYR A 110 20.40 9.10 0.84
N GLN A 111 21.01 10.11 0.24
CA GLN A 111 20.41 10.72 -0.94
C GLN A 111 20.42 9.82 -2.16
N THR A 112 19.47 10.07 -3.05
CA THR A 112 19.38 9.37 -4.32
C THR A 112 20.68 9.56 -5.10
N PRO A 113 21.22 8.51 -5.69
CA PRO A 113 22.44 8.63 -6.48
C PRO A 113 22.17 9.27 -7.83
N PRO A 114 23.21 9.78 -8.48
CA PRO A 114 23.05 10.18 -9.88
C PRO A 114 22.51 9.03 -10.72
N HIS A 115 21.61 9.33 -11.65
CA HIS A 115 20.99 8.31 -12.50
C HIS A 115 20.45 8.95 -13.75
N GLN A 116 20.25 8.12 -14.78
CA GLN A 116 19.84 8.63 -16.08
C GLN A 116 18.34 8.83 -16.25
N ASN A 117 17.55 7.93 -15.68
CA ASN A 117 16.10 7.84 -15.88
C ASN A 117 15.57 6.85 -14.83
N PHE A 118 14.25 6.64 -14.82
CA PHE A 118 13.65 5.76 -13.83
C PHE A 118 14.16 4.33 -13.98
N GLU A 119 14.37 3.85 -15.21
CA GLU A 119 14.85 2.48 -15.41
C GLU A 119 16.26 2.29 -14.83
N ASP A 120 17.12 3.29 -14.99
CA ASP A 120 18.48 3.20 -14.42
C ASP A 120 18.38 3.13 -12.89
N LEU A 121 17.52 3.97 -12.34
CA LEU A 121 17.38 3.99 -10.89
C LEU A 121 16.82 2.66 -10.38
N GLU A 122 15.88 2.06 -11.11
CA GLU A 122 15.34 0.74 -10.78
C GLU A 122 16.43 -0.32 -10.76
N ARG A 123 17.32 -0.30 -11.77
CA ARG A 123 18.45 -1.21 -11.80
CA ARG A 123 18.44 -1.22 -11.79
C ARG A 123 19.32 -1.04 -10.56
N LYS A 124 19.63 0.20 -10.23
CA LYS A 124 20.46 0.48 -9.06
C LYS A 124 19.78 0.00 -7.76
N TYR A 125 18.48 0.22 -7.65
CA TYR A 125 17.74 -0.25 -6.48
C TYR A 125 17.92 -1.74 -6.30
N TRP A 126 17.62 -2.52 -7.33
CA TRP A 126 17.65 -3.98 -7.16
C TRP A 126 19.07 -4.50 -7.00
N LYS A 127 20.04 -3.81 -7.58
CA LYS A 127 21.43 -4.24 -7.44
C LYS A 127 21.92 -3.99 -6.02
N ASN A 128 21.55 -2.87 -5.41
CA ASN A 128 22.24 -2.34 -4.23
C ASN A 128 21.39 -2.18 -2.99
N ARG A 129 20.09 -2.39 -3.05
CA ARG A 129 19.22 -2.12 -1.90
C ARG A 129 19.74 -2.82 -0.64
N ILE A 130 20.12 -4.09 -0.75
CA ILE A 130 20.37 -4.84 0.48
C ILE A 130 21.56 -4.30 1.25
N TYR A 131 22.44 -3.54 0.61
CA TYR A 131 23.65 -3.08 1.21
C TYR A 131 23.48 -1.78 1.98
N ASN A 132 22.27 -1.27 2.08
CA ASN A 132 21.97 -0.04 2.78
C ASN A 132 20.74 -0.26 3.65
C ASN A 132 20.75 -0.26 3.67
N SER A 133 20.56 0.61 4.64
CA SER A 133 19.41 0.54 5.53
CA SER A 133 19.40 0.53 5.52
C SER A 133 18.72 1.89 5.66
N PRO A 134 17.85 2.21 4.72
CA PRO A 134 17.17 3.50 4.73
C PRO A 134 16.18 3.59 5.88
N ILE A 135 15.79 4.82 6.20
CA ILE A 135 14.87 5.10 7.33
C ILE A 135 13.59 5.67 6.78
N TYR A 136 12.47 5.20 7.31
CA TYR A 136 11.10 5.42 6.78
CA TYR A 136 11.26 5.84 6.87
C TYR A 136 10.21 5.95 7.94
N GLY A 137 9.34 6.91 7.66
N GLY A 137 9.26 6.83 7.69
CA GLY A 137 8.20 7.24 8.50
CA GLY A 137 8.26 7.15 8.69
C GLY A 137 6.99 6.47 8.02
C GLY A 137 6.92 6.71 8.20
N ALA A 138 6.35 5.67 8.83
CA ALA A 138 5.23 4.90 8.31
C ALA A 138 4.02 4.89 9.24
N ASP A 139 2.85 4.77 8.64
CA ASP A 139 1.62 4.54 9.37
C ASP A 139 1.45 5.63 10.43
N ILE A 140 1.67 6.89 10.03
CA ILE A 140 1.48 8.04 10.91
C ILE A 140 0.06 8.53 10.71
N SER A 141 -0.80 8.37 11.71
N SER A 141 -0.78 8.39 11.72
CA SER A 141 -2.19 8.80 11.53
CA SER A 141 -2.16 8.82 11.58
C SER A 141 -2.22 10.29 11.27
C SER A 141 -2.24 10.32 11.30
N GLY A 142 -2.94 10.70 10.24
CA GLY A 142 -3.05 12.10 9.90
C GLY A 142 -3.42 12.28 8.45
N SER A 143 -3.59 13.56 8.07
CA SER A 143 -3.92 13.89 6.69
C SER A 143 -3.32 15.23 6.32
N LEU A 144 -2.92 15.34 5.04
CA LEU A 144 -2.45 16.59 4.46
C LEU A 144 -3.44 17.18 3.46
N PHE A 145 -4.62 16.61 3.33
CA PHE A 145 -5.64 17.26 2.50
C PHE A 145 -6.22 18.45 3.25
N ASP A 146 -6.44 19.52 2.52
CA ASP A 146 -7.16 20.65 3.09
C ASP A 146 -8.60 20.26 3.33
N GLU A 147 -9.16 20.71 4.48
CA GLU A 147 -10.55 20.34 4.77
C GLU A 147 -11.50 20.83 3.70
N ASN A 148 -11.12 21.87 2.94
CA ASN A 148 -11.97 22.42 1.91
C ASN A 148 -11.81 21.72 0.56
N THR A 149 -10.89 20.77 0.44
CA THR A 149 -10.80 19.94 -0.76
C THR A 149 -11.93 18.93 -0.72
N LYS A 150 -12.90 19.07 -1.64
CA LYS A 150 -14.09 18.24 -1.60
C LYS A 150 -14.00 16.99 -2.39
N GLN A 151 -13.10 16.92 -3.35
CA GLN A 151 -12.99 15.77 -4.26
C GLN A 151 -11.77 14.94 -3.89
N TRP A 152 -11.98 13.63 -3.75
CA TRP A 152 -10.88 12.70 -3.55
C TRP A 152 -10.01 13.07 -2.35
N ASN A 153 -10.67 13.56 -1.31
CA ASN A 153 -10.03 13.88 -0.03
C ASN A 153 -10.02 12.60 0.79
N LEU A 154 -8.83 12.04 1.01
CA LEU A 154 -8.69 10.74 1.64
CA LEU A 154 -8.69 10.73 1.63
C LEU A 154 -9.11 10.70 3.09
N GLY A 155 -9.30 11.86 3.73
CA GLY A 155 -9.90 11.94 5.07
C GLY A 155 -11.39 12.06 5.10
N HIS A 156 -12.05 12.09 3.93
CA HIS A 156 -13.50 12.28 3.86
C HIS A 156 -14.19 11.16 3.10
N LEU A 157 -13.58 10.00 2.94
CA LEU A 157 -14.21 8.92 2.21
C LEU A 157 -15.25 8.21 3.09
N GLY A 158 -16.20 7.54 2.44
CA GLY A 158 -17.11 6.67 3.18
C GLY A 158 -16.32 5.57 3.88
N THR A 159 -16.77 5.22 5.08
CA THR A 159 -15.99 4.31 5.90
C THR A 159 -16.30 2.83 5.53
N ILE A 160 -15.33 1.98 5.82
CA ILE A 160 -15.51 0.55 5.59
CA ILE A 160 -15.50 0.55 5.59
C ILE A 160 -16.63 0.01 6.48
N GLN A 161 -16.74 0.53 7.70
CA GLN A 161 -17.78 0.08 8.61
C GLN A 161 -19.14 0.42 8.04
N ASP A 162 -19.31 1.61 7.43
CA ASP A 162 -20.58 1.96 6.84
C ASP A 162 -20.85 1.12 5.60
N LEU A 163 -19.82 0.78 4.82
CA LEU A 163 -20.02 -0.08 3.67
C LEU A 163 -20.54 -1.44 4.13
N LEU A 164 -19.89 -2.04 5.15
CA LEU A 164 -20.35 -3.34 5.64
CA LEU A 164 -20.36 -3.34 5.63
C LEU A 164 -21.79 -3.25 6.13
N GLU A 165 -22.11 -2.18 6.84
CA GLU A 165 -23.47 -2.03 7.33
C GLU A 165 -24.45 -1.88 6.18
N LYS A 166 -24.10 -1.09 5.16
CA LYS A 166 -25.02 -0.93 4.03
C LYS A 166 -25.22 -2.23 3.25
N GLU A 167 -24.15 -3.03 3.11
CA GLU A 167 -24.26 -4.26 2.31
C GLU A 167 -24.88 -5.40 3.09
N CYS A 168 -24.56 -5.51 4.37
CA CYS A 168 -24.88 -6.70 5.12
CA CYS A 168 -24.91 -6.71 5.09
C CYS A 168 -25.85 -6.47 6.26
N GLY A 169 -26.15 -5.23 6.59
CA GLY A 169 -27.15 -4.89 7.56
C GLY A 169 -26.70 -4.80 9.01
N VAL A 170 -25.43 -5.05 9.31
CA VAL A 170 -24.90 -5.15 10.68
C VAL A 170 -24.11 -3.87 11.00
N VAL A 171 -24.43 -3.17 12.04
CA VAL A 171 -23.63 -2.07 12.53
C VAL A 171 -22.47 -2.66 13.31
N ILE A 172 -21.29 -2.12 13.07
CA ILE A 172 -20.09 -2.54 13.79
C ILE A 172 -19.33 -1.35 14.33
N GLU A 173 -18.59 -1.57 15.40
CA GLU A 173 -17.62 -0.61 15.90
C GLU A 173 -16.46 -0.48 14.92
N GLY A 174 -15.67 0.58 15.11
CA GLY A 174 -14.43 0.79 14.40
C GLY A 174 -14.47 2.06 13.61
N VAL A 175 -13.26 2.55 13.30
CA VAL A 175 -13.07 3.75 12.51
C VAL A 175 -12.01 3.46 11.44
N ASN A 176 -11.82 4.42 10.53
N ASN A 176 -11.97 4.25 10.40
CA ASN A 176 -11.12 4.22 9.25
CA ASN A 176 -10.76 4.15 9.59
C ASN A 176 -10.54 5.60 8.89
C ASN A 176 -10.48 5.55 9.12
N THR A 177 -9.25 5.91 9.32
CA THR A 177 -8.65 7.20 9.02
C THR A 177 -7.35 7.05 8.22
N PRO A 178 -6.89 8.11 7.56
CA PRO A 178 -5.71 7.99 6.70
C PRO A 178 -4.42 7.93 7.50
N TYR A 179 -3.40 7.51 6.78
CA TYR A 179 -2.03 7.48 7.26
C TYR A 179 -1.09 8.22 6.32
N LEU A 180 -0.10 8.83 6.92
CA LEU A 180 1.02 9.48 6.24
C LEU A 180 2.25 8.61 6.26
N TYR A 181 3.03 8.75 5.18
CA TYR A 181 4.27 8.04 4.96
C TYR A 181 5.29 9.03 4.49
N PHE A 182 6.43 9.04 5.10
CA PHE A 182 7.58 9.84 4.69
C PHE A 182 8.69 8.90 4.27
N GLY A 183 9.15 9.01 3.02
CA GLY A 183 10.12 8.08 2.46
C GLY A 183 11.39 8.77 2.05
N MET A 184 12.39 7.92 1.74
CA MET A 184 13.64 8.36 1.19
C MET A 184 14.10 7.29 0.19
N TRP A 185 15.20 7.57 -0.51
CA TRP A 185 15.76 6.63 -1.45
C TRP A 185 15.89 5.26 -0.81
N LYS A 186 15.43 4.24 -1.53
CA LYS A 186 15.51 2.83 -1.16
C LYS A 186 14.49 2.41 -0.09
N THR A 187 13.71 3.32 0.51
CA THR A 187 12.62 2.90 1.38
CA THR A 187 12.69 2.81 1.41
C THR A 187 11.74 1.94 0.59
N THR A 188 11.35 0.85 1.23
CA THR A 188 10.79 -0.33 0.56
C THR A 188 9.48 -0.75 1.18
N PHE A 189 8.50 -1.08 0.35
CA PHE A 189 7.28 -1.70 0.80
CA PHE A 189 7.27 -1.70 0.78
C PHE A 189 7.30 -3.14 0.28
N ALA A 190 7.22 -4.09 1.20
CA ALA A 190 7.29 -5.50 0.91
C ALA A 190 6.02 -5.99 0.24
N TRP A 191 6.12 -7.18 -0.39
CA TRP A 191 4.96 -7.79 -1.05
C TRP A 191 3.83 -8.04 -0.08
N HIS A 192 2.65 -7.53 -0.42
CA HIS A 192 1.48 -7.73 0.45
C HIS A 192 0.20 -7.48 -0.31
N THR A 193 -0.91 -8.00 0.21
CA THR A 193 -2.24 -7.45 -0.03
C THR A 193 -2.66 -6.65 1.20
N GLU A 194 -3.74 -5.88 1.06
CA GLU A 194 -4.19 -5.12 2.22
C GLU A 194 -4.84 -6.02 3.25
N ASP A 195 -4.98 -5.47 4.47
CA ASP A 195 -5.74 -6.17 5.52
C ASP A 195 -7.09 -6.55 4.96
N MET A 196 -7.51 -7.76 5.21
CA MET A 196 -8.83 -8.25 4.77
C MET A 196 -9.04 -8.14 3.25
N ASP A 197 -7.90 -8.07 2.51
CA ASP A 197 -7.92 -7.89 1.06
C ASP A 197 -8.76 -6.70 0.63
N LEU A 198 -8.70 -5.63 1.42
CA LEU A 198 -9.36 -4.37 1.10
C LEU A 198 -8.72 -3.71 -0.12
N TYR A 199 -9.40 -2.69 -0.65
CA TYR A 199 -8.76 -1.76 -1.55
C TYR A 199 -7.85 -0.82 -0.76
N SER A 200 -6.91 -0.18 -1.46
CA SER A 200 -6.25 0.98 -0.90
CA SER A 200 -6.26 0.99 -0.89
C SER A 200 -6.20 2.09 -1.93
N ILE A 201 -6.10 3.31 -1.43
CA ILE A 201 -5.82 4.45 -2.28
C ILE A 201 -4.68 5.25 -1.67
N ASN A 202 -3.77 5.69 -2.53
CA ASN A 202 -2.50 6.28 -2.13
CA ASN A 202 -2.50 6.29 -2.14
C ASN A 202 -2.29 7.53 -2.97
N TYR A 203 -2.08 8.66 -2.32
CA TYR A 203 -1.79 9.93 -2.98
C TYR A 203 -0.36 10.35 -2.65
N LEU A 204 0.43 10.64 -3.69
CA LEU A 204 1.79 11.09 -3.51
CA LEU A 204 1.80 11.10 -3.51
C LEU A 204 1.74 12.63 -3.43
N HIS A 205 1.79 13.16 -2.20
CA HIS A 205 1.61 14.60 -2.01
C HIS A 205 2.78 15.40 -2.56
N LEU A 206 4.01 14.93 -2.36
CA LEU A 206 5.19 15.79 -2.53
C LEU A 206 6.42 14.93 -2.73
N GLY A 207 7.34 15.41 -3.54
CA GLY A 207 8.68 14.85 -3.61
C GLY A 207 8.88 13.87 -4.73
N GLU A 208 9.82 12.99 -4.51
CA GLU A 208 10.30 12.07 -5.55
C GLU A 208 9.35 10.90 -5.75
N PRO A 209 9.53 10.19 -6.88
CA PRO A 209 8.55 9.13 -7.22
C PRO A 209 8.58 7.91 -6.33
N LYS A 210 7.59 7.05 -6.61
CA LYS A 210 7.49 5.73 -5.99
CA LYS A 210 7.47 5.73 -5.99
C LYS A 210 7.25 4.75 -7.13
N THR A 211 8.08 3.69 -7.23
CA THR A 211 7.86 2.62 -8.20
C THR A 211 7.10 1.48 -7.54
N TRP A 212 6.08 1.01 -8.23
CA TRP A 212 5.19 -0.06 -7.78
C TRP A 212 5.34 -1.28 -8.68
N TYR A 213 5.22 -2.45 -8.08
CA TYR A 213 5.09 -3.74 -8.74
C TYR A 213 3.76 -4.34 -8.27
N VAL A 214 3.06 -5.06 -9.14
CA VAL A 214 1.75 -5.61 -8.78
C VAL A 214 1.51 -6.90 -9.53
N VAL A 215 0.89 -7.86 -8.85
CA VAL A 215 0.45 -9.11 -9.44
C VAL A 215 -1.07 -9.07 -9.61
N PRO A 216 -1.61 -9.43 -10.78
CA PRO A 216 -3.08 -9.46 -10.94
C PRO A 216 -3.73 -10.29 -9.85
N PRO A 217 -4.86 -9.85 -9.31
CA PRO A 217 -5.58 -10.67 -8.32
C PRO A 217 -5.83 -12.09 -8.75
N GLU A 218 -6.17 -12.32 -10.01
CA GLU A 218 -6.42 -13.66 -10.48
C GLU A 218 -5.22 -14.56 -10.41
N HIS A 219 -4.03 -14.01 -10.24
CA HIS A 219 -2.78 -14.77 -10.19
C HIS A 219 -2.10 -14.67 -8.84
N GLY A 220 -2.77 -14.16 -7.81
CA GLY A 220 -2.08 -13.98 -6.55
C GLY A 220 -1.54 -15.26 -5.96
N GLN A 221 -2.24 -16.36 -6.13
N GLN A 221 -2.24 -16.37 -6.14
CA GLN A 221 -1.77 -17.62 -5.58
CA GLN A 221 -1.76 -17.62 -5.56
C GLN A 221 -0.42 -18.02 -6.17
C GLN A 221 -0.47 -18.11 -6.21
N ARG A 222 -0.15 -17.65 -7.42
CA ARG A 222 1.16 -17.96 -8.01
C ARG A 222 2.27 -17.27 -7.26
N LEU A 223 2.06 -16.02 -6.86
CA LEU A 223 3.05 -15.34 -6.06
CA LEU A 223 3.01 -15.29 -6.03
C LEU A 223 3.19 -15.99 -4.68
N GLU A 224 2.07 -16.38 -4.07
CA GLU A 224 2.14 -17.05 -2.79
C GLU A 224 2.96 -18.32 -2.87
N ARG A 225 2.75 -19.12 -3.91
CA ARG A 225 3.49 -20.38 -4.05
CA ARG A 225 3.49 -20.37 -4.06
C ARG A 225 4.97 -20.12 -4.21
N LEU A 226 5.34 -19.14 -5.03
CA LEU A 226 6.76 -18.80 -5.15
C LEU A 226 7.33 -18.35 -3.82
N ALA A 227 6.61 -17.49 -3.10
CA ALA A 227 7.09 -16.99 -1.84
C ALA A 227 7.32 -18.14 -0.86
N ARG A 228 6.44 -19.16 -0.85
CA ARG A 228 6.68 -20.28 0.06
CA ARG A 228 6.66 -20.30 0.05
C ARG A 228 7.95 -21.02 -0.30
N GLU A 229 8.25 -21.13 -1.59
CA GLU A 229 9.50 -21.75 -2.03
C GLU A 229 10.73 -20.92 -1.64
N LEU A 230 10.65 -19.61 -1.81
CA LEU A 230 11.80 -18.75 -1.59
C LEU A 230 12.06 -18.39 -0.13
N PHE A 231 11.06 -18.50 0.72
CA PHE A 231 11.18 -18.18 2.14
C PHE A 231 10.67 -19.37 2.93
N PRO A 232 11.39 -20.49 2.88
CA PRO A 232 10.80 -21.74 3.38
C PRO A 232 10.58 -21.76 4.89
N GLY A 233 11.52 -21.23 5.68
CA GLY A 233 11.33 -21.16 7.12
C GLY A 233 10.16 -20.27 7.50
N SER A 234 10.03 -19.13 6.83
CA SER A 234 8.90 -18.25 7.12
C SER A 234 7.59 -18.94 6.81
N SER A 235 7.53 -19.68 5.70
CA SER A 235 6.32 -20.37 5.35
C SER A 235 5.95 -21.42 6.39
N ARG A 236 6.94 -22.15 6.92
CA ARG A 236 6.66 -23.13 7.95
C ARG A 236 6.11 -22.46 9.22
N GLY A 237 6.53 -21.23 9.49
CA GLY A 237 6.09 -20.55 10.70
C GLY A 237 4.69 -19.99 10.61
N CYS A 238 4.20 -19.70 9.40
CA CYS A 238 2.89 -19.08 9.25
C CYS A 238 2.37 -19.31 7.84
N GLY A 239 1.14 -19.80 7.76
CA GLY A 239 0.46 -20.06 6.52
C GLY A 239 0.06 -18.83 5.74
N ALA A 240 0.22 -17.65 6.32
CA ALA A 240 -0.06 -16.38 5.64
C ALA A 240 1.08 -15.40 5.92
N PHE A 241 2.34 -15.84 5.78
CA PHE A 241 3.46 -15.00 6.22
C PHE A 241 3.62 -13.74 5.41
N LEU A 242 3.07 -13.66 4.20
CA LEU A 242 3.20 -12.40 3.47
C LEU A 242 2.48 -11.28 4.21
N ARG A 243 1.53 -11.60 5.09
CA ARG A 243 0.82 -10.67 6.00
CA ARG A 243 0.94 -10.47 5.79
C ARG A 243 1.82 -9.93 6.89
N HIS A 244 3.01 -10.52 7.10
CA HIS A 244 3.99 -9.91 7.96
C HIS A 244 4.64 -8.69 7.29
N LYS A 245 4.53 -8.57 5.96
CA LYS A 245 5.04 -7.45 5.20
C LYS A 245 6.54 -7.30 5.39
N VAL A 246 7.28 -8.39 5.13
CA VAL A 246 8.72 -8.37 5.25
C VAL A 246 9.46 -8.93 4.04
N ALA A 247 8.78 -9.53 3.07
CA ALA A 247 9.47 -10.26 2.01
C ALA A 247 9.51 -9.50 0.69
N LEU A 248 10.70 -9.48 0.07
CA LEU A 248 10.91 -8.85 -1.23
C LEU A 248 11.42 -9.87 -2.23
N ILE A 249 10.89 -9.75 -3.45
CA ILE A 249 11.29 -10.57 -4.58
C ILE A 249 11.38 -9.61 -5.76
N SER A 250 12.51 -9.61 -6.46
CA SER A 250 12.75 -8.66 -7.54
C SER A 250 11.98 -9.01 -8.81
N PRO A 251 11.83 -8.04 -9.73
CA PRO A 251 11.20 -8.34 -11.03
C PRO A 251 11.96 -9.40 -11.80
N THR A 252 13.28 -9.42 -11.70
CA THR A 252 14.05 -10.45 -12.41
C THR A 252 13.68 -11.84 -11.91
N VAL A 253 13.59 -12.00 -10.59
CA VAL A 253 13.25 -13.29 -10.04
C VAL A 253 11.81 -13.68 -10.38
N LEU A 254 10.88 -12.71 -10.36
CA LEU A 254 9.50 -13.00 -10.77
C LEU A 254 9.48 -13.50 -12.21
N LYS A 255 10.19 -12.80 -13.11
CA LYS A 255 10.22 -13.23 -14.51
C LYS A 255 10.83 -14.61 -14.67
N GLU A 256 11.91 -14.89 -13.93
CA GLU A 256 12.54 -16.20 -14.01
C GLU A 256 11.60 -17.32 -13.63
N ASN A 257 10.64 -17.03 -12.75
CA ASN A 257 9.69 -18.01 -12.23
C ASN A 257 8.33 -17.90 -12.89
N GLY A 258 8.21 -17.11 -13.94
CA GLY A 258 6.98 -17.06 -14.69
C GLY A 258 5.84 -16.39 -13.98
N ILE A 259 6.09 -15.52 -12.99
CA ILE A 259 4.97 -14.91 -12.24
C ILE A 259 4.45 -13.73 -13.02
N PRO A 260 3.16 -13.66 -13.32
CA PRO A 260 2.68 -12.47 -14.03
CA PRO A 260 2.61 -12.47 -14.02
C PRO A 260 2.69 -11.25 -13.11
N PHE A 261 3.22 -10.15 -13.61
CA PHE A 261 3.25 -8.91 -12.84
C PHE A 261 3.38 -7.73 -13.78
N ASN A 262 3.15 -6.52 -13.25
CA ASN A 262 3.38 -5.28 -13.97
C ASN A 262 4.07 -4.30 -13.03
N ARG A 263 4.58 -3.23 -13.61
CA ARG A 263 5.26 -2.18 -12.87
C ARG A 263 4.84 -0.82 -13.40
N ILE A 264 4.89 0.18 -12.54
CA ILE A 264 4.61 1.56 -12.94
C ILE A 264 5.22 2.48 -11.90
N THR A 265 5.58 3.70 -12.32
CA THR A 265 6.08 4.71 -11.39
C THR A 265 5.05 5.78 -11.18
N GLN A 266 4.78 6.07 -9.90
CA GLN A 266 3.86 7.13 -9.48
C GLN A 266 4.66 8.40 -9.18
N GLU A 267 4.19 9.54 -9.66
CA GLU A 267 4.82 10.81 -9.41
C GLU A 267 3.94 11.69 -8.55
N ALA A 268 4.54 12.74 -7.99
CA ALA A 268 3.80 13.62 -7.12
C ALA A 268 2.58 14.15 -7.83
N GLY A 269 1.49 14.24 -7.11
CA GLY A 269 0.21 14.71 -7.65
C GLY A 269 -0.67 13.63 -8.23
N GLU A 270 -0.26 12.37 -8.15
CA GLU A 270 -0.99 11.25 -8.72
C GLU A 270 -1.50 10.32 -7.62
N PHE A 271 -2.67 9.74 -7.89
CA PHE A 271 -3.26 8.71 -7.04
C PHE A 271 -2.98 7.34 -7.63
N MET A 272 -2.82 6.35 -6.76
CA MET A 272 -2.80 4.94 -7.13
C MET A 272 -3.88 4.24 -6.32
N VAL A 273 -4.66 3.38 -6.94
CA VAL A 273 -5.61 2.51 -6.24
C VAL A 273 -5.14 1.07 -6.38
N THR A 274 -5.06 0.36 -5.27
CA THR A 274 -4.90 -1.09 -5.28
C THR A 274 -6.24 -1.74 -5.05
N PHE A 275 -6.45 -2.85 -5.76
CA PHE A 275 -7.71 -3.56 -5.76
C PHE A 275 -7.64 -4.79 -4.88
N PRO A 276 -8.78 -5.32 -4.44
CA PRO A 276 -8.79 -6.48 -3.54
C PRO A 276 -7.91 -7.61 -4.06
N TYR A 277 -7.05 -8.09 -3.19
CA TYR A 277 -6.20 -9.25 -3.46
C TYR A 277 -5.16 -8.97 -4.54
N GLY A 278 -4.83 -7.70 -4.78
CA GLY A 278 -3.74 -7.32 -5.66
C GLY A 278 -2.45 -7.16 -4.88
N TYR A 279 -1.57 -8.16 -4.95
CA TYR A 279 -0.29 -8.09 -4.26
C TYR A 279 0.51 -6.97 -4.87
N HIS A 280 1.17 -6.18 -4.03
CA HIS A 280 2.01 -5.09 -4.49
C HIS A 280 3.22 -4.92 -3.59
N ALA A 281 4.26 -4.29 -4.15
CA ALA A 281 5.53 -4.01 -3.49
C ALA A 281 6.10 -2.80 -4.19
N GLY A 282 7.14 -2.20 -3.64
CA GLY A 282 7.80 -1.12 -4.38
C GLY A 282 8.81 -0.37 -3.54
N PHE A 283 9.25 0.77 -4.10
CA PHE A 283 10.29 1.53 -3.42
C PHE A 283 10.17 3.00 -3.78
N ASN A 284 10.72 3.83 -2.92
CA ASN A 284 10.77 5.27 -3.12
C ASN A 284 12.10 5.71 -3.74
N HIS A 285 12.00 6.72 -4.59
CA HIS A 285 13.14 7.22 -5.34
C HIS A 285 13.99 8.22 -4.56
N GLY A 286 13.45 8.83 -3.51
CA GLY A 286 14.06 9.93 -2.79
C GLY A 286 13.04 10.45 -1.80
N PHE A 287 13.33 11.60 -1.16
CA PHE A 287 12.41 12.14 -0.16
C PHE A 287 11.03 12.34 -0.76
N ASN A 288 10.02 11.82 -0.07
CA ASN A 288 8.65 12.05 -0.48
C ASN A 288 7.71 11.91 0.70
N CYS A 289 6.47 12.30 0.45
CA CYS A 289 5.39 12.20 1.42
CA CYS A 289 5.38 12.25 1.42
C CYS A 289 4.14 11.71 0.70
N ALA A 290 3.56 10.62 1.19
CA ALA A 290 2.35 10.04 0.64
C ALA A 290 1.31 9.91 1.75
N GLU A 291 0.07 9.78 1.34
CA GLU A 291 -1.06 9.56 2.26
C GLU A 291 -1.87 8.41 1.67
N ALA A 292 -2.32 7.51 2.54
CA ALA A 292 -3.05 6.34 2.04
C ALA A 292 -4.10 5.94 3.06
N ILE A 293 -5.12 5.23 2.55
CA ILE A 293 -6.18 4.68 3.39
C ILE A 293 -6.76 3.47 2.67
N ASN A 294 -7.27 2.53 3.46
CA ASN A 294 -8.05 1.43 2.92
C ASN A 294 -9.50 1.83 2.74
N PHE A 295 -10.15 1.22 1.75
CA PHE A 295 -11.57 1.42 1.54
C PHE A 295 -12.18 0.17 0.97
N ALA A 296 -13.52 0.16 0.95
CA ALA A 296 -14.31 -0.96 0.44
C ALA A 296 -15.37 -0.47 -0.53
N THR A 297 -15.82 -1.42 -1.34
CA THR A 297 -16.97 -1.29 -2.20
C THR A 297 -17.80 -2.55 -2.07
N PRO A 298 -18.98 -2.61 -2.66
CA PRO A 298 -19.75 -3.87 -2.62
C PRO A 298 -18.98 -5.06 -3.14
N ARG A 299 -18.15 -4.86 -4.17
CA ARG A 299 -17.39 -5.96 -4.75
CA ARG A 299 -17.38 -5.96 -4.74
C ARG A 299 -16.35 -6.53 -3.79
N TRP A 300 -15.91 -5.74 -2.80
CA TRP A 300 -14.93 -6.23 -1.85
C TRP A 300 -15.48 -7.33 -0.95
N ILE A 301 -16.78 -7.34 -0.64
CA ILE A 301 -17.29 -8.19 0.43
C ILE A 301 -16.85 -9.65 0.20
N ASP A 302 -16.97 -10.16 -1.03
CA ASP A 302 -16.58 -11.54 -1.29
C ASP A 302 -15.10 -11.78 -1.04
N TYR A 303 -14.26 -10.80 -1.33
CA TYR A 303 -12.84 -10.94 -1.02
C TYR A 303 -12.60 -10.92 0.49
N GLY A 304 -13.31 -10.06 1.20
CA GLY A 304 -13.13 -10.04 2.64
C GLY A 304 -13.49 -11.36 3.30
N LYS A 305 -14.53 -12.01 2.81
CA LYS A 305 -14.95 -13.31 3.33
C LYS A 305 -13.88 -14.36 3.13
N MET A 306 -13.10 -14.25 2.08
CA MET A 306 -12.13 -15.29 1.69
C MET A 306 -10.69 -14.96 2.11
N ALA A 307 -10.43 -13.77 2.67
CA ALA A 307 -9.06 -13.35 2.90
C ALA A 307 -8.36 -14.27 3.87
N SER A 308 -7.11 -14.60 3.57
N SER A 308 -7.12 -14.59 3.54
CA SER A 308 -6.32 -15.51 4.39
CA SER A 308 -6.30 -15.34 4.45
C SER A 308 -5.62 -14.70 5.48
C SER A 308 -6.03 -14.51 5.68
N GLN A 309 -5.66 -15.20 6.74
CA GLN A 309 -5.27 -14.45 7.91
C GLN A 309 -4.01 -15.04 8.54
N CYS A 310 -3.22 -14.14 9.12
CA CYS A 310 -2.12 -14.51 9.98
C CYS A 310 -2.67 -14.65 11.41
N SER A 311 -2.43 -15.79 12.02
CA SER A 311 -2.76 -16.02 13.41
CA SER A 311 -2.76 -16.02 13.42
C SER A 311 -1.54 -16.41 14.23
N CYS A 312 -0.29 -16.25 13.69
CA CYS A 312 0.93 -16.64 14.39
C CYS A 312 1.40 -15.58 15.34
N GLY A 313 0.81 -14.38 15.31
CA GLY A 313 1.19 -13.30 16.18
C GLY A 313 1.95 -12.17 15.51
N GLU A 314 2.58 -12.43 14.38
CA GLU A 314 3.47 -11.42 13.83
C GLU A 314 2.68 -10.25 13.25
N ALA A 315 1.56 -10.52 12.57
CA ALA A 315 0.81 -9.47 11.88
C ALA A 315 -0.26 -8.85 12.80
N ARG A 316 0.21 -8.10 13.78
CA ARG A 316 -0.70 -7.30 14.59
C ARG A 316 -1.28 -6.18 13.73
N VAL A 317 -2.57 -5.90 13.93
CA VAL A 317 -3.28 -4.92 13.12
C VAL A 317 -4.22 -4.10 14.00
N THR A 318 -4.84 -3.11 13.37
CA THR A 318 -5.79 -2.19 13.99
C THR A 318 -6.95 -2.93 14.64
N PHE A 319 -7.51 -2.33 15.69
CA PHE A 319 -8.68 -2.94 16.31
CA PHE A 319 -8.66 -2.99 16.29
C PHE A 319 -9.88 -2.97 15.36
N SER A 320 -9.90 -2.12 14.32
CA SER A 320 -11.01 -2.13 13.37
CA SER A 320 -11.03 -2.13 13.40
C SER A 320 -11.10 -3.46 12.64
N MET A 321 -10.01 -4.18 12.54
CA MET A 321 -10.14 -5.44 11.80
CA MET A 321 -10.02 -5.48 11.87
C MET A 321 -10.87 -6.52 12.59
N ASP A 322 -10.95 -6.41 13.90
CA ASP A 322 -11.67 -7.38 14.70
C ASP A 322 -13.09 -7.59 14.15
N ALA A 323 -13.83 -6.53 13.93
CA ALA A 323 -15.20 -6.69 13.48
C ALA A 323 -15.28 -7.30 12.14
N PHE A 324 -14.33 -6.99 11.25
CA PHE A 324 -14.37 -7.57 9.91
CA PHE A 324 -14.40 -7.58 9.92
C PHE A 324 -14.20 -9.09 9.97
N VAL A 325 -13.27 -9.58 10.78
CA VAL A 325 -13.11 -11.02 10.92
C VAL A 325 -14.32 -11.61 11.61
N ARG A 326 -14.78 -10.96 12.69
CA ARG A 326 -15.91 -11.47 13.46
C ARG A 326 -17.13 -11.68 12.60
N ILE A 327 -17.48 -10.72 11.76
CA ILE A 327 -18.69 -10.81 10.96
C ILE A 327 -18.46 -11.62 9.70
N LEU A 328 -17.36 -11.40 8.98
CA LEU A 328 -17.20 -12.04 7.68
C LEU A 328 -16.60 -13.44 7.78
N GLN A 329 -15.85 -13.72 8.86
N GLN A 329 -15.82 -13.72 8.82
CA GLN A 329 -15.10 -14.97 9.00
CA GLN A 329 -15.15 -15.01 8.98
C GLN A 329 -15.31 -15.60 10.37
C GLN A 329 -15.33 -15.53 10.40
N PRO A 330 -16.56 -15.79 10.79
CA PRO A 330 -16.80 -16.26 12.17
C PRO A 330 -16.07 -17.54 12.51
N GLU A 331 -15.90 -18.49 11.58
CA GLU A 331 -15.18 -19.71 11.94
CA GLU A 331 -15.17 -19.72 11.90
C GLU A 331 -13.73 -19.43 12.28
N ARG A 332 -13.08 -18.46 11.65
CA ARG A 332 -11.69 -18.14 11.87
C ARG A 332 -11.46 -17.22 13.03
N TYR A 333 -12.52 -16.62 13.54
CA TYR A 333 -12.39 -15.54 14.51
C TYR A 333 -11.62 -15.94 15.78
N ASP A 334 -12.00 -17.04 16.41
CA ASP A 334 -11.36 -17.39 17.68
CA ASP A 334 -11.35 -17.43 17.68
C ASP A 334 -9.85 -17.55 17.50
N LEU A 335 -9.42 -18.28 16.49
CA LEU A 335 -7.98 -18.48 16.26
C LEU A 335 -7.28 -17.16 15.94
N TRP A 336 -7.88 -16.36 15.06
CA TRP A 336 -7.27 -15.08 14.73
C TRP A 336 -7.16 -14.19 15.98
N LYS A 337 -8.22 -14.15 16.80
CA LYS A 337 -8.23 -13.29 17.99
C LYS A 337 -7.13 -13.71 18.95
N ARG A 338 -6.85 -15.02 19.03
CA ARG A 338 -5.74 -15.49 19.85
C ARG A 338 -4.42 -14.97 19.32
N GLY A 339 -4.28 -14.86 18.00
CA GLY A 339 -3.09 -14.23 17.43
C GLY A 339 -2.90 -12.80 17.89
N GLN A 340 -3.96 -12.00 17.84
CA GLN A 340 -3.89 -10.59 18.22
C GLN A 340 -3.57 -10.47 19.71
ZN ZN B . 1.92 -14.93 10.76
NA NA C . 2.27 -7.33 -18.47
C1 EDO D . 26.21 0.54 -11.12
O1 EDO D . 25.05 1.33 -11.34
C2 EDO D . 26.57 0.80 -9.67
O2 EDO D . 25.36 0.98 -8.94
C1 EDO E . -14.31 12.68 -0.47
O1 EDO E . -13.62 13.74 -1.03
C2 EDO E . -15.06 11.84 -1.43
O2 EDO E . -16.08 12.61 -2.08
C1 EDO F . 14.22 -6.29 -15.20
O1 EDO F . 13.64 -5.40 -14.28
C2 EDO F . 13.64 -7.68 -15.11
O2 EDO F . 12.26 -7.57 -15.45
C1 EDO G . -23.16 -12.02 4.64
O1 EDO G . -23.03 -12.04 3.22
C2 EDO G . -24.43 -11.26 5.02
O2 EDO G . -25.01 -10.39 4.04
C1 EDO H . 9.53 1.14 -13.61
O1 EDO H . 8.30 1.87 -13.50
C2 EDO H . 10.73 2.06 -13.51
O2 EDO H . 10.96 2.49 -14.81
C1 EDO I . -16.90 8.22 -16.00
O1 EDO I . -17.72 8.61 -17.12
C2 EDO I . -17.78 7.92 -14.78
O2 EDO I . -18.08 9.11 -14.04
C1 EDO J . -3.50 2.02 3.96
O1 EDO J . -2.97 1.42 5.14
C2 EDO J . -2.75 1.49 2.78
O2 EDO J . -1.44 1.95 3.11
C1 EDO K . 11.09 -12.71 -19.69
O1 EDO K . 11.42 -12.32 -20.93
C2 EDO K . 11.30 -14.24 -19.16
O2 EDO K . 11.98 -15.10 -19.98
S SO4 L . -0.86 25.71 3.48
O1 SO4 L . 0.12 26.50 2.73
O2 SO4 L . -1.43 24.73 2.55
O3 SO4 L . -0.24 25.03 4.62
O4 SO4 L . -1.93 26.56 4.01
S SO4 M . 23.13 3.26 -4.95
O1 SO4 M . 24.11 3.81 -5.91
O2 SO4 M . 22.23 2.43 -5.62
O3 SO4 M . 23.78 2.35 -3.99
O4 SO4 M . 22.50 4.34 -4.20
NI NI N . -0.46 -1.63 0.36
CAA FHZ O . 3.90 -0.17 3.56
CAB FHZ O . 5.15 0.04 4.19
CAC FHZ O . 6.05 -0.99 4.41
CAD FHZ O . 5.62 -2.25 4.04
CAE FHZ O . 4.42 -2.44 3.36
CAF FHZ O . 3.53 -1.43 3.14
CAK FHZ O . 2.91 2.32 1.21
CAL FHZ O . 2.79 0.91 1.75
CAM FHZ O . 1.48 0.08 1.42
CAQ FHZ O . 3.08 0.88 3.30
CAS FHZ O . 7.71 -3.31 4.35
NAG FHZ O . 3.71 4.09 0.29
NAH FHZ O . 2.57 4.43 0.84
NAI FHZ O . 3.96 2.80 0.58
NAJ FHZ O . 2.07 3.31 1.39
NAO FHZ O . 0.62 -0.13 2.49
NAP FHZ O . -0.56 -0.86 2.29
OAN FHZ O . 1.29 -0.45 0.30
OAR FHZ O . 6.44 -3.29 3.99
#